data_5EG2
#
_entry.id   5EG2
#
_cell.length_a   83.198
_cell.length_b   83.198
_cell.length_c   95.859
_cell.angle_alpha   90.000
_cell.angle_beta   90.000
_cell.angle_gamma   120.000
#
_symmetry.space_group_name_H-M   'P 32 2 1'
#
loop_
_entity.id
_entity.type
_entity.pdbx_description
1 polymer 'Histone-lysine N-methyltransferase SETD7'
2 polymer 'Transcription initiation factor TFIID subunit 10'
3 non-polymer S-ADENOSYL-L-HOMOCYSTEINE
4 non-polymer 'SODIUM ION'
5 water water
#
loop_
_entity_poly.entity_id
_entity_poly.type
_entity_poly.pdbx_seq_one_letter_code
_entity_poly.pdbx_strand_id
1 'polypeptide(L)'
;GAMGSYKDNIRHGVCWIYYPDGGSLVGEVNEDGEMTGEKIAYVYPDERTALYGKFIDGEMIEGKLATLMSTEEGRPHFEL
MPGNSVYHFDKSTSSCISTNALLPDPYESERVYVAESLISSAGEGLFSKVAVGPNTVMSFYNGVRITHQEVDSRDWALNG
ATLSLDEETVIDVPEPYNHVSKYCASLGHKANHSFTPNCIYDMFVHPRFGPIKCIRTLRAVEADEELTVAYGYDHSPPGK
SGPEAPEWYQVELKAFQATQQK
;
A
2 'polypeptide(L)' SKS(MLZ)DRKYTL B
#
loop_
_chem_comp.id
_chem_comp.type
_chem_comp.name
_chem_comp.formula
NA non-polymer 'SODIUM ION' 'Na 1'
#
# COMPACT_ATOMS: atom_id res chain seq x y z
N GLY A 13 16.96 5.56 -26.43
CA GLY A 13 16.64 6.67 -25.55
C GLY A 13 15.94 6.29 -24.26
N VAL A 14 14.79 6.92 -24.03
CA VAL A 14 14.06 6.74 -22.78
CA VAL A 14 14.04 6.75 -22.79
C VAL A 14 13.53 5.31 -22.64
N CYS A 15 13.61 4.80 -21.43
CA CYS A 15 13.11 3.47 -21.09
CA CYS A 15 13.17 3.47 -21.07
C CYS A 15 12.05 3.55 -20.02
N TRP A 16 11.03 2.70 -20.15
CA TRP A 16 10.02 2.50 -19.11
C TRP A 16 10.17 1.08 -18.61
N ILE A 17 10.24 0.90 -17.29
CA ILE A 17 10.35 -0.45 -16.70
C ILE A 17 9.17 -0.62 -15.76
N TYR A 18 8.21 -1.47 -16.12
CA TYR A 18 7.01 -1.67 -15.31
C TYR A 18 7.18 -2.79 -14.30
N TYR A 19 6.63 -2.56 -13.12
CA TYR A 19 6.41 -3.60 -12.14
C TYR A 19 5.12 -4.33 -12.44
N PRO A 20 4.98 -5.56 -11.93
CA PRO A 20 3.73 -6.29 -12.16
C PRO A 20 2.50 -5.51 -11.70
N ASP A 21 2.67 -4.64 -10.71
CA ASP A 21 1.52 -3.93 -10.18
C ASP A 21 1.11 -2.72 -11.01
N GLY A 22 1.88 -2.39 -12.04
CA GLY A 22 1.51 -1.30 -12.93
C GLY A 22 2.26 0.00 -12.67
N GLY A 23 2.95 0.11 -11.53
CA GLY A 23 3.85 1.22 -11.34
C GLY A 23 5.06 1.06 -12.26
N SER A 24 5.82 2.13 -12.47
CA SER A 24 6.98 2.04 -13.37
C SER A 24 8.08 3.01 -12.98
N LEU A 25 9.27 2.69 -13.43
CA LEU A 25 10.37 3.66 -13.47
C LEU A 25 10.56 4.10 -14.90
N VAL A 26 10.80 5.40 -15.10
CA VAL A 26 11.01 5.91 -16.46
C VAL A 26 12.10 6.94 -16.49
N GLY A 27 12.94 6.86 -17.50
CA GLY A 27 13.98 7.84 -17.70
C GLY A 27 15.03 7.37 -18.68
N GLU A 28 16.04 8.21 -18.89
CA GLU A 28 17.20 7.81 -19.66
C GLU A 28 18.12 6.99 -18.79
N VAL A 29 18.44 5.78 -19.22
CA VAL A 29 19.34 4.96 -18.42
C VAL A 29 20.78 5.38 -18.69
N ASN A 30 21.69 5.04 -17.78
CA ASN A 30 23.08 5.44 -17.97
C ASN A 30 23.82 4.40 -18.81
N GLU A 31 25.13 4.60 -19.00
CA GLU A 31 25.94 3.73 -19.86
C GLU A 31 25.89 2.26 -19.41
N ASP A 32 25.58 2.02 -18.15
CA ASP A 32 25.48 0.66 -17.62
C ASP A 32 24.03 0.15 -17.65
N GLY A 33 23.12 0.94 -18.21
CA GLY A 33 21.73 0.53 -18.34
C GLY A 33 20.93 0.69 -17.06
N GLU A 34 21.46 1.48 -16.15
CA GLU A 34 20.85 1.67 -14.83
C GLU A 34 19.97 2.92 -14.78
N MET A 35 18.88 2.87 -14.01
CA MET A 35 18.01 4.01 -13.79
C MET A 35 18.67 4.97 -12.81
N THR A 36 19.66 5.70 -13.32
CA THR A 36 20.51 6.56 -12.50
C THR A 36 20.57 7.92 -13.16
N GLY A 37 20.20 8.95 -12.43
CA GLY A 37 20.20 10.29 -13.01
C GLY A 37 19.40 11.25 -12.17
N GLU A 38 19.32 12.49 -12.64
CA GLU A 38 18.61 13.57 -11.95
C GLU A 38 17.19 13.80 -12.47
N LYS A 39 16.81 13.06 -13.51
CA LYS A 39 15.53 13.24 -14.19
C LYS A 39 14.83 11.90 -14.37
N ILE A 40 14.96 11.04 -13.36
CA ILE A 40 14.28 9.75 -13.34
C ILE A 40 12.95 9.91 -12.62
N ALA A 41 11.95 9.10 -12.95
CA ALA A 41 10.69 9.16 -12.20
C ALA A 41 10.17 7.79 -11.89
N TYR A 42 9.50 7.70 -10.76
CA TYR A 42 8.59 6.60 -10.47
C TYR A 42 7.19 7.11 -10.84
N VAL A 43 6.44 6.34 -11.61
CA VAL A 43 5.08 6.72 -11.96
C VAL A 43 4.12 5.70 -11.34
N TYR A 44 3.18 6.19 -10.54
CA TYR A 44 2.21 5.33 -9.87
C TYR A 44 1.29 4.63 -10.88
N PRO A 45 0.48 3.66 -10.41
CA PRO A 45 -0.37 2.91 -11.35
C PRO A 45 -1.51 3.70 -12.01
N ASP A 46 -1.76 4.94 -11.60
CA ASP A 46 -2.69 5.78 -12.36
C ASP A 46 -2.06 6.36 -13.63
N GLU A 47 -0.77 6.10 -13.82
CA GLU A 47 -0.04 6.57 -15.01
C GLU A 47 -0.08 8.11 -15.07
N ARG A 48 -0.17 8.74 -13.90
CA ARG A 48 -0.28 10.20 -13.85
C ARG A 48 0.48 10.80 -12.66
N THR A 49 0.34 10.18 -11.50
CA THR A 49 1.01 10.69 -10.31
C THR A 49 2.45 10.19 -10.32
N ALA A 50 3.42 11.07 -10.11
CA ALA A 50 4.82 10.67 -10.28
C ALA A 50 5.70 11.27 -9.19
N LEU A 51 6.82 10.60 -8.94
CA LEU A 51 7.86 11.12 -8.04
C LEU A 51 9.11 11.25 -8.89
N TYR A 52 9.54 12.49 -9.11
CA TYR A 52 10.48 12.85 -10.16
C TYR A 52 11.73 13.46 -9.58
N GLY A 53 12.89 12.96 -9.97
CA GLY A 53 14.13 13.55 -9.49
C GLY A 53 15.30 12.59 -9.50
N LYS A 54 16.04 12.55 -8.39
CA LYS A 54 17.30 11.83 -8.34
C LYS A 54 17.08 10.39 -7.93
N PHE A 55 17.51 9.47 -8.78
CA PHE A 55 17.50 8.03 -8.50
C PHE A 55 18.89 7.46 -8.75
N ILE A 56 19.26 6.42 -8.02
CA ILE A 56 20.48 5.68 -8.28
C ILE A 56 20.13 4.20 -8.41
N ASP A 57 20.39 3.65 -9.61
CA ASP A 57 20.05 2.25 -9.93
C ASP A 57 18.61 1.92 -9.51
N GLY A 58 17.69 2.83 -9.83
CA GLY A 58 16.28 2.63 -9.55
C GLY A 58 15.83 2.93 -8.13
N GLU A 59 16.76 3.26 -7.25
CA GLU A 59 16.41 3.65 -5.89
C GLU A 59 16.18 5.16 -5.80
N MET A 60 15.05 5.55 -5.23
CA MET A 60 14.68 6.95 -5.12
C MET A 60 15.49 7.67 -4.05
N ILE A 61 16.30 8.64 -4.46
CA ILE A 61 17.11 9.41 -3.52
C ILE A 61 16.36 10.68 -3.15
N GLU A 62 15.82 11.33 -4.17
CA GLU A 62 15.02 12.55 -3.97
C GLU A 62 13.96 12.65 -5.04
N GLY A 63 12.73 12.22 -4.72
CA GLY A 63 11.63 12.26 -5.67
C GLY A 63 10.67 13.37 -5.31
N LYS A 64 10.44 14.28 -6.23
CA LYS A 64 9.53 15.41 -5.99
C LYS A 64 8.18 15.08 -6.62
N LEU A 65 7.10 15.42 -5.91
CA LEU A 65 5.77 15.13 -6.42
C LEU A 65 5.51 15.87 -7.74
N ALA A 66 5.02 15.13 -8.73
CA ALA A 66 4.82 15.67 -10.05
C ALA A 66 3.60 15.02 -10.70
N THR A 67 3.14 15.64 -11.77
CA THR A 67 2.07 15.09 -12.59
C THR A 67 2.64 14.83 -13.97
N LEU A 68 2.39 13.62 -14.48
CA LEU A 68 2.75 13.29 -15.85
C LEU A 68 1.73 13.94 -16.76
N MET A 69 2.14 14.93 -17.57
CA MET A 69 1.18 15.73 -18.32
C MET A 69 0.98 15.18 -19.72
N SER A 70 2.06 14.69 -20.31
CA SER A 70 1.99 14.10 -21.64
C SER A 70 3.23 13.27 -21.88
N THR A 71 3.23 12.51 -22.97
CA THR A 71 4.46 11.91 -23.43
C THR A 71 4.67 12.36 -24.87
N GLU A 72 5.92 12.55 -25.25
CA GLU A 72 6.24 12.91 -26.63
C GLU A 72 7.35 11.98 -27.10
N GLU A 73 7.08 11.18 -28.15
CA GLU A 73 8.03 10.16 -28.60
C GLU A 73 8.44 9.26 -27.44
N GLY A 74 7.52 8.99 -26.52
CA GLY A 74 7.81 8.10 -25.41
C GLY A 74 8.40 8.79 -24.18
N ARG A 75 8.81 10.05 -24.33
CA ARG A 75 9.44 10.76 -23.23
CA ARG A 75 9.46 10.81 -23.26
C ARG A 75 8.39 11.45 -22.36
N PRO A 76 8.43 11.18 -21.05
CA PRO A 76 7.40 11.79 -20.19
C PRO A 76 7.70 13.26 -19.94
N HIS A 77 6.64 14.06 -19.92
CA HIS A 77 6.74 15.48 -19.59
C HIS A 77 5.95 15.73 -18.33
N PHE A 78 6.68 16.19 -17.31
CA PHE A 78 6.12 16.36 -15.97
C PHE A 78 5.91 17.83 -15.63
N GLU A 79 4.93 18.06 -14.76
CA GLU A 79 4.83 19.34 -14.07
C GLU A 79 5.01 19.09 -12.58
N LEU A 80 5.94 19.80 -11.93
CA LEU A 80 6.10 19.62 -10.48
C LEU A 80 4.93 20.24 -9.75
N MET A 81 4.47 19.53 -8.72
CA MET A 81 3.38 20.03 -7.89
C MET A 81 3.93 21.11 -6.98
N PRO A 82 3.05 22.04 -6.59
CA PRO A 82 3.53 23.06 -5.68
C PRO A 82 3.86 22.47 -4.34
N GLY A 83 4.59 23.23 -3.56
CA GLY A 83 5.02 22.79 -2.26
C GLY A 83 6.39 22.22 -2.47
N ASN A 84 6.91 21.61 -1.42
CA ASN A 84 8.19 20.98 -1.55
C ASN A 84 8.08 19.59 -0.97
N SER A 85 7.08 18.85 -1.46
CA SER A 85 6.91 17.45 -1.11
C SER A 85 7.98 16.66 -1.80
N VAL A 86 8.87 16.10 -0.98
CA VAL A 86 9.90 15.18 -1.46
C VAL A 86 9.87 13.86 -0.69
N TYR A 87 10.30 12.82 -1.38
CA TYR A 87 10.21 11.46 -0.88
C TYR A 87 11.49 10.73 -1.18
N HIS A 88 11.83 9.75 -0.34
CA HIS A 88 13.00 8.93 -0.60
C HIS A 88 12.72 7.50 -0.23
N PHE A 89 13.54 6.61 -0.79
CA PHE A 89 13.50 5.21 -0.41
C PHE A 89 13.76 5.09 1.10
N ASP A 90 12.83 4.42 1.78
CA ASP A 90 12.80 4.45 3.25
C ASP A 90 12.18 3.17 3.75
N LYS A 91 12.75 2.05 3.35
CA LYS A 91 12.19 0.75 3.72
C LYS A 91 12.15 0.60 5.26
N SER A 92 11.05 0.08 5.77
CA SER A 92 10.94 -0.20 7.21
C SER A 92 11.92 -1.26 7.67
N THR A 93 12.13 -1.29 8.97
CA THR A 93 12.91 -2.33 9.58
C THR A 93 12.05 -3.07 10.60
N SER A 94 12.66 -3.90 11.42
CA SER A 94 11.92 -4.60 12.47
CA SER A 94 11.91 -4.59 12.48
C SER A 94 11.38 -3.62 13.53
N SER A 95 12.03 -2.46 13.65
CA SER A 95 11.73 -1.52 14.74
C SER A 95 11.37 -0.12 14.29
N CYS A 96 11.53 0.18 13.01
CA CYS A 96 11.23 1.51 12.51
C CYS A 96 10.26 1.43 11.35
N ILE A 97 9.09 1.99 11.50
CA ILE A 97 8.08 1.89 10.46
C ILE A 97 8.36 2.86 9.30
N SER A 98 8.96 4.00 9.64
CA SER A 98 9.13 5.09 8.68
C SER A 98 9.98 6.20 9.32
N THR A 99 10.79 6.86 8.49
CA THR A 99 11.48 8.11 8.90
C THR A 99 10.55 9.32 8.93
N ASN A 100 9.41 9.23 8.24
CA ASN A 100 8.41 10.29 8.20
C ASN A 100 7.03 9.73 8.40
N ALA A 101 6.75 9.27 9.61
CA ALA A 101 5.48 8.59 9.86
C ALA A 101 4.24 9.45 9.56
N LEU A 102 4.40 10.78 9.60
CA LEU A 102 3.26 11.67 9.39
C LEU A 102 3.15 12.25 7.98
N LEU A 103 4.05 11.83 7.09
CA LEU A 103 4.05 12.30 5.71
C LEU A 103 3.24 11.33 4.88
N PRO A 104 2.05 11.75 4.42
CA PRO A 104 1.16 10.81 3.70
C PRO A 104 1.73 10.41 2.34
N ASP A 105 1.25 9.29 1.83
CA ASP A 105 1.51 8.96 0.44
C ASP A 105 0.58 9.79 -0.46
N PRO A 106 1.12 10.50 -1.47
CA PRO A 106 0.29 11.42 -2.25
C PRO A 106 -0.73 10.73 -3.17
N TYR A 107 -0.41 9.51 -3.61
CA TYR A 107 -1.33 8.76 -4.44
C TYR A 107 -2.49 8.27 -3.60
N GLU A 108 -2.14 7.68 -2.46
CA GLU A 108 -3.15 7.15 -1.55
C GLU A 108 -4.10 8.26 -1.06
N SER A 109 -3.55 9.44 -0.78
CA SER A 109 -4.35 10.52 -0.22
CA SER A 109 -4.34 10.53 -0.21
C SER A 109 -5.47 10.98 -1.14
N GLU A 110 -5.28 10.83 -2.45
CA GLU A 110 -6.35 11.25 -3.33
C GLU A 110 -7.39 10.13 -3.52
N ARG A 111 -7.14 8.95 -2.97
CA ARG A 111 -8.04 7.83 -3.22
C ARG A 111 -8.82 7.29 -2.03
N VAL A 112 -8.27 7.43 -0.83
CA VAL A 112 -8.95 6.86 0.32
C VAL A 112 -8.95 7.84 1.49
N TYR A 113 -9.86 7.62 2.41
CA TYR A 113 -9.81 8.32 3.70
C TYR A 113 -10.25 7.37 4.79
N VAL A 114 -9.91 7.74 6.03
CA VAL A 114 -10.28 6.95 7.20
C VAL A 114 -11.49 7.58 7.88
N ALA A 115 -12.47 6.74 8.23
CA ALA A 115 -13.62 7.20 8.99
C ALA A 115 -14.18 6.06 9.81
N GLU A 116 -15.23 6.32 10.60
CA GLU A 116 -15.85 5.24 11.35
C GLU A 116 -16.36 4.17 10.40
N SER A 117 -16.06 2.91 10.70
CA SER A 117 -16.54 1.82 9.85
C SER A 117 -18.05 1.73 9.88
N LEU A 118 -18.64 1.22 8.80
CA LEU A 118 -20.08 0.95 8.76
C LEU A 118 -20.39 -0.42 9.36
N ILE A 119 -19.34 -1.19 9.59
CA ILE A 119 -19.45 -2.50 10.23
C ILE A 119 -19.56 -2.29 11.73
N SER A 120 -20.54 -2.95 12.34
CA SER A 120 -20.81 -2.79 13.77
CA SER A 120 -20.81 -2.78 13.77
C SER A 120 -19.61 -3.15 14.64
N SER A 121 -19.24 -2.24 15.54
CA SER A 121 -18.16 -2.44 16.51
C SER A 121 -16.80 -2.72 15.87
N ALA A 122 -16.59 -2.21 14.67
CA ALA A 122 -15.36 -2.52 13.93
C ALA A 122 -14.36 -1.37 13.92
N GLY A 123 -14.60 -0.36 14.76
CA GLY A 123 -13.67 0.77 14.86
C GLY A 123 -13.68 1.62 13.61
N GLU A 124 -12.49 2.04 13.18
CA GLU A 124 -12.32 2.84 11.96
C GLU A 124 -12.27 1.93 10.74
N GLY A 125 -12.59 2.49 9.58
CA GLY A 125 -12.46 1.75 8.33
C GLY A 125 -11.88 2.66 7.25
N LEU A 126 -11.66 2.08 6.08
CA LEU A 126 -11.05 2.77 4.98
C LEU A 126 -12.11 2.95 3.89
N PHE A 127 -12.20 4.15 3.34
CA PHE A 127 -13.26 4.50 2.39
C PHE A 127 -12.70 5.08 1.11
N SER A 128 -13.40 4.84 0.00
CA SER A 128 -12.98 5.41 -1.27
C SER A 128 -13.37 6.89 -1.33
N LYS A 129 -12.43 7.74 -1.72
CA LYS A 129 -12.70 9.18 -1.87
C LYS A 129 -13.48 9.47 -3.14
N VAL A 130 -13.21 8.67 -4.16
CA VAL A 130 -13.81 8.91 -5.46
C VAL A 130 -14.26 7.58 -6.07
N ALA A 131 -15.07 7.65 -7.11
CA ALA A 131 -15.46 6.46 -7.86
C ALA A 131 -14.27 5.92 -8.66
N VAL A 132 -14.05 4.61 -8.60
CA VAL A 132 -12.96 4.00 -9.38
C VAL A 132 -13.42 2.68 -10.00
N GLY A 133 -12.70 2.25 -11.03
CA GLY A 133 -13.02 1.00 -11.70
C GLY A 133 -12.40 -0.21 -11.03
N PRO A 134 -12.65 -1.39 -11.56
CA PRO A 134 -11.97 -2.60 -11.09
C PRO A 134 -10.47 -2.52 -11.26
N ASN A 135 -9.75 -3.28 -10.44
CA ASN A 135 -8.30 -3.46 -10.54
C ASN A 135 -7.51 -2.20 -10.20
N THR A 136 -8.10 -1.35 -9.38
CA THR A 136 -7.47 -0.06 -9.04
C THR A 136 -6.75 -0.17 -7.72
N VAL A 137 -5.46 0.16 -7.73
CA VAL A 137 -4.71 0.23 -6.47
C VAL A 137 -5.19 1.43 -5.66
N MET A 138 -5.62 1.17 -4.43
CA MET A 138 -6.23 2.21 -3.59
C MET A 138 -5.34 2.67 -2.45
N SER A 139 -4.59 1.74 -1.88
CA SER A 139 -3.96 2.00 -0.59
C SER A 139 -2.77 1.07 -0.43
N PHE A 140 -1.81 1.48 0.40
CA PHE A 140 -0.59 0.71 0.63
C PHE A 140 -0.56 0.18 2.03
N TYR A 141 -0.05 -1.04 2.17
CA TYR A 141 0.07 -1.67 3.48
C TYR A 141 1.55 -1.80 3.84
N ASN A 142 2.08 -0.74 4.42
CA ASN A 142 3.43 -0.71 4.93
C ASN A 142 3.39 -0.99 6.43
N GLY A 143 4.52 -1.40 6.98
CA GLY A 143 4.57 -1.62 8.42
C GLY A 143 5.95 -2.11 8.79
N VAL A 144 6.19 -2.35 10.07
CA VAL A 144 7.47 -2.93 10.45
C VAL A 144 7.53 -4.38 9.97
N ARG A 145 8.75 -4.88 9.82
CA ARG A 145 9.00 -6.20 9.24
C ARG A 145 9.52 -7.15 10.30
N ILE A 146 8.69 -8.10 10.67
CA ILE A 146 9.06 -9.02 11.74
C ILE A 146 8.83 -10.45 11.26
N THR A 147 9.21 -11.43 12.07
CA THR A 147 9.16 -12.83 11.61
C THR A 147 7.82 -13.50 11.91
N HIS A 148 7.50 -14.55 11.15
CA HIS A 148 6.34 -15.37 11.47
C HIS A 148 6.44 -15.97 12.86
N GLN A 149 7.67 -16.32 13.27
CA GLN A 149 7.90 -16.92 14.59
C GLN A 149 7.44 -15.99 15.70
N GLU A 150 7.81 -14.72 15.59
CA GLU A 150 7.43 -13.73 16.59
C GLU A 150 5.92 -13.57 16.63
N VAL A 151 5.32 -13.46 15.46
CA VAL A 151 3.89 -13.22 15.38
C VAL A 151 3.06 -14.43 15.84
N ASP A 152 3.45 -15.61 15.38
CA ASP A 152 2.69 -16.82 15.68
C ASP A 152 2.78 -17.21 17.15
N SER A 153 3.82 -16.73 17.84
CA SER A 153 4.04 -17.16 19.22
C SER A 153 3.55 -16.14 20.23
N ARG A 154 2.88 -15.09 19.77
CA ARG A 154 2.30 -14.12 20.68
C ARG A 154 0.77 -14.08 20.54
N ASP A 155 0.10 -13.44 21.49
CA ASP A 155 -1.36 -13.49 21.60
C ASP A 155 -2.03 -12.72 20.46
N TRP A 156 -3.27 -13.07 20.15
CA TRP A 156 -4.02 -12.41 19.08
C TRP A 156 -4.23 -10.92 19.33
N ALA A 157 -4.26 -10.54 20.60
CA ALA A 157 -4.43 -9.13 20.96
C ALA A 157 -3.35 -8.25 20.35
N LEU A 158 -2.21 -8.86 20.00
CA LEU A 158 -1.10 -8.12 19.39
C LEU A 158 -1.07 -8.22 17.88
N ASN A 159 -1.95 -9.07 17.35
CA ASN A 159 -1.94 -9.41 15.93
C ASN A 159 -3.15 -8.90 15.14
N GLY A 160 -3.67 -7.75 15.55
CA GLY A 160 -4.77 -7.14 14.83
C GLY A 160 -4.40 -6.64 13.44
N ALA A 161 -3.17 -6.18 13.26
CA ALA A 161 -2.78 -5.54 11.99
C ALA A 161 -1.63 -6.26 11.28
N THR A 162 -1.38 -7.51 11.64
CA THR A 162 -0.32 -8.27 10.99
C THR A 162 -0.77 -8.82 9.63
N LEU A 163 0.08 -8.67 8.63
CA LEU A 163 -0.20 -9.12 7.27
C LEU A 163 1.02 -9.89 6.77
N SER A 164 0.85 -11.15 6.38
CA SER A 164 1.96 -11.91 5.84
C SER A 164 2.43 -11.30 4.52
N LEU A 165 3.73 -11.09 4.38
CA LEU A 165 4.30 -10.54 3.15
C LEU A 165 4.84 -11.67 2.28
N ASP A 166 5.58 -12.58 2.92
CA ASP A 166 6.11 -13.75 2.26
C ASP A 166 6.37 -14.82 3.30
N GLU A 167 7.11 -15.86 2.90
CA GLU A 167 7.35 -16.99 3.79
C GLU A 167 8.25 -16.61 4.98
N GLU A 168 8.95 -15.49 4.89
CA GLU A 168 9.87 -15.11 5.97
C GLU A 168 9.43 -13.89 6.77
N THR A 169 8.56 -13.06 6.19
CA THR A 169 8.27 -11.73 6.76
C THR A 169 6.78 -11.48 6.97
N VAL A 170 6.46 -10.89 8.13
CA VAL A 170 5.13 -10.35 8.41
C VAL A 170 5.27 -8.85 8.56
N ILE A 171 4.36 -8.10 7.93
CA ILE A 171 4.24 -6.66 8.09
C ILE A 171 3.26 -6.36 9.22
N ASP A 172 3.63 -5.45 10.14
CA ASP A 172 2.75 -5.11 11.26
C ASP A 172 2.65 -3.61 11.41
N VAL A 173 1.51 -3.13 11.88
CA VAL A 173 1.39 -1.74 12.29
C VAL A 173 1.01 -1.74 13.77
N PRO A 174 2.02 -1.83 14.64
CA PRO A 174 1.77 -1.97 16.08
C PRO A 174 1.36 -0.65 16.73
N GLU A 175 0.72 -0.73 17.91
CA GLU A 175 0.49 0.47 18.70
C GLU A 175 1.80 1.22 18.89
N PRO A 176 1.77 2.56 18.81
CA PRO A 176 0.60 3.41 18.64
C PRO A 176 0.40 3.82 17.19
N TYR A 177 1.07 3.12 16.28
CA TYR A 177 1.07 3.54 14.89
C TYR A 177 -0.21 3.14 14.17
N ASN A 178 -1.08 2.41 14.86
CA ASN A 178 -2.37 2.11 14.28
C ASN A 178 -3.38 3.24 14.49
N HIS A 179 -2.91 4.34 15.10
CA HIS A 179 -3.65 5.60 15.18
C HIS A 179 -3.11 6.58 14.13
N VAL A 180 -3.99 7.19 13.36
CA VAL A 180 -3.52 8.05 12.27
C VAL A 180 -2.85 9.31 12.82
N SER A 181 -3.08 9.62 14.09
CA SER A 181 -2.37 10.77 14.65
C SER A 181 -0.87 10.48 14.86
N LYS A 182 -0.48 9.20 14.82
CA LYS A 182 0.91 8.82 14.99
C LYS A 182 1.52 8.26 13.71
N TYR A 183 0.68 7.74 12.82
CA TYR A 183 1.20 7.20 11.58
C TYR A 183 0.15 7.31 10.49
N CYS A 184 0.49 7.99 9.40
CA CYS A 184 -0.43 8.05 8.26
C CYS A 184 0.31 8.01 6.93
N ALA A 185 1.53 7.48 6.95
CA ALA A 185 2.32 7.37 5.71
C ALA A 185 1.65 6.38 4.73
N SER A 186 0.98 5.39 5.30
CA SER A 186 0.17 4.43 4.53
C SER A 186 -1.07 4.11 5.35
N LEU A 187 -2.12 3.64 4.70
CA LEU A 187 -3.39 3.43 5.40
C LEU A 187 -4.02 2.05 5.19
N GLY A 188 -3.27 1.13 4.60
CA GLY A 188 -3.85 -0.16 4.26
C GLY A 188 -4.32 -0.97 5.45
N HIS A 189 -3.69 -0.74 6.60
CA HIS A 189 -4.07 -1.41 7.85
C HIS A 189 -5.41 -0.92 8.40
N LYS A 190 -6.02 0.07 7.75
CA LYS A 190 -7.31 0.58 8.22
C LYS A 190 -8.51 -0.08 7.53
N ALA A 191 -8.27 -0.90 6.51
CA ALA A 191 -9.37 -1.59 5.82
C ALA A 191 -9.87 -2.76 6.65
N ASN A 192 -11.18 -2.79 6.90
CA ASN A 192 -11.77 -3.87 7.67
C ASN A 192 -12.01 -5.13 6.84
N HIS A 193 -12.30 -6.21 7.53
CA HIS A 193 -12.52 -7.50 6.92
C HIS A 193 -13.94 -7.69 6.41
N SER A 194 -14.06 -8.33 5.26
CA SER A 194 -15.34 -8.90 4.87
C SER A 194 -15.17 -10.24 4.16
N PHE A 195 -16.13 -11.15 4.35
CA PHE A 195 -16.14 -12.39 3.59
C PHE A 195 -16.74 -12.15 2.21
N THR A 196 -17.29 -10.96 1.99
CA THR A 196 -17.73 -10.55 0.65
C THR A 196 -17.05 -9.22 0.29
N PRO A 197 -15.72 -9.27 0.14
CA PRO A 197 -14.95 -8.03 0.00
C PRO A 197 -15.07 -7.37 -1.38
N ASN A 198 -14.74 -6.08 -1.45
CA ASN A 198 -14.64 -5.42 -2.76
C ASN A 198 -13.18 -5.19 -3.17
N CYS A 199 -12.25 -5.57 -2.30
CA CYS A 199 -10.81 -5.44 -2.60
C CYS A 199 -10.05 -6.70 -2.25
N ILE A 200 -8.82 -6.77 -2.75
CA ILE A 200 -7.89 -7.81 -2.37
C ILE A 200 -6.57 -7.18 -1.94
N TYR A 201 -5.79 -7.95 -1.18
CA TYR A 201 -4.38 -7.64 -0.98
C TYR A 201 -3.58 -8.14 -2.17
N ASP A 202 -2.67 -7.30 -2.66
CA ASP A 202 -1.86 -7.64 -3.83
C ASP A 202 -0.42 -7.20 -3.58
N MET A 203 0.55 -7.83 -4.25
CA MET A 203 1.94 -7.41 -4.15
C MET A 203 2.11 -6.00 -4.70
N PHE A 204 3.04 -5.25 -4.11
CA PHE A 204 3.32 -3.91 -4.64
C PHE A 204 4.77 -3.54 -4.38
N VAL A 205 5.42 -2.94 -5.37
CA VAL A 205 6.79 -2.47 -5.18
C VAL A 205 6.75 -0.95 -5.12
N HIS A 206 6.95 -0.40 -3.92
CA HIS A 206 6.73 1.03 -3.69
C HIS A 206 8.08 1.74 -3.68
N PRO A 207 8.16 2.95 -4.27
CA PRO A 207 9.47 3.62 -4.31
C PRO A 207 9.96 4.13 -2.95
N ARG A 208 9.03 4.36 -2.03
CA ARG A 208 9.37 4.77 -0.67
C ARG A 208 9.42 3.56 0.26
N PHE A 209 8.38 2.73 0.22
CA PHE A 209 8.30 1.64 1.20
C PHE A 209 9.02 0.36 0.79
N GLY A 210 9.39 0.24 -0.49
CA GLY A 210 9.92 -1.02 -0.98
C GLY A 210 8.87 -2.08 -1.22
N PRO A 211 9.27 -3.35 -1.16
CA PRO A 211 8.30 -4.42 -1.43
C PRO A 211 7.32 -4.58 -0.29
N ILE A 212 6.06 -4.31 -0.57
CA ILE A 212 5.02 -4.38 0.44
C ILE A 212 3.78 -5.03 -0.20
N LYS A 213 2.63 -4.82 0.40
CA LYS A 213 1.37 -5.20 -0.25
C LYS A 213 0.53 -3.93 -0.43
N CYS A 214 -0.43 -4.02 -1.33
CA CYS A 214 -1.41 -2.95 -1.50
C CYS A 214 -2.83 -3.52 -1.41
N ILE A 215 -3.78 -2.60 -1.42
CA ILE A 215 -5.20 -2.93 -1.52
C ILE A 215 -5.64 -2.55 -2.92
N ARG A 216 -6.22 -3.51 -3.64
CA ARG A 216 -6.62 -3.30 -5.04
C ARG A 216 -8.08 -3.67 -5.18
N THR A 217 -8.89 -2.83 -5.85
CA THR A 217 -10.30 -3.19 -6.04
C THR A 217 -10.47 -4.39 -6.97
N LEU A 218 -11.47 -5.20 -6.69
CA LEU A 218 -11.72 -6.31 -7.61
C LEU A 218 -12.91 -5.95 -8.51
N ARG A 219 -13.64 -4.89 -8.13
CA ARG A 219 -14.77 -4.39 -8.91
C ARG A 219 -14.82 -2.87 -8.82
N ALA A 220 -15.68 -2.24 -9.60
CA ALA A 220 -15.90 -0.81 -9.48
C ALA A 220 -16.43 -0.47 -8.09
N VAL A 221 -15.95 0.65 -7.56
CA VAL A 221 -16.36 1.13 -6.26
C VAL A 221 -16.82 2.58 -6.40
N GLU A 222 -17.89 2.93 -5.69
CA GLU A 222 -18.41 4.30 -5.69
C GLU A 222 -17.64 5.17 -4.70
N ALA A 223 -17.79 6.48 -4.86
CA ALA A 223 -17.31 7.45 -3.87
C ALA A 223 -17.95 7.15 -2.52
N ASP A 224 -17.13 7.22 -1.47
CA ASP A 224 -17.54 7.05 -0.08
C ASP A 224 -17.99 5.63 0.26
N GLU A 225 -17.65 4.68 -0.59
CA GLU A 225 -17.89 3.28 -0.30
C GLU A 225 -16.78 2.73 0.61
N GLU A 226 -17.14 1.94 1.62
CA GLU A 226 -16.12 1.34 2.49
C GLU A 226 -15.38 0.25 1.72
N LEU A 227 -14.06 0.28 1.83
CA LEU A 227 -13.19 -0.75 1.26
C LEU A 227 -12.99 -1.85 2.27
N THR A 228 -13.22 -3.08 1.81
CA THR A 228 -13.03 -4.26 2.64
C THR A 228 -12.22 -5.31 1.91
N VAL A 229 -11.55 -6.15 2.69
CA VAL A 229 -10.65 -7.17 2.17
C VAL A 229 -10.91 -8.45 2.97
N ALA A 230 -10.77 -9.63 2.35
CA ALA A 230 -10.80 -10.86 3.14
C ALA A 230 -9.46 -11.01 3.87
N TYR A 231 -9.50 -11.08 5.19
CA TYR A 231 -8.26 -11.19 5.96
C TYR A 231 -7.59 -12.56 5.74
N GLY A 232 -8.37 -13.57 5.38
CA GLY A 232 -7.77 -14.83 4.97
C GLY A 232 -7.02 -15.59 6.05
N TYR A 233 -7.61 -15.66 7.24
CA TYR A 233 -7.04 -16.46 8.31
C TYR A 233 -7.28 -17.95 8.00
N ASP A 234 -6.49 -18.84 8.61
CA ASP A 234 -6.66 -20.28 8.38
C ASP A 234 -7.94 -20.77 9.06
N HIS A 235 -8.87 -21.29 8.27
CA HIS A 235 -10.16 -21.76 8.80
C HIS A 235 -10.10 -23.21 9.28
N SER A 236 -9.09 -23.94 8.81
CA SER A 236 -8.93 -25.33 9.21
C SER A 236 -7.47 -25.70 9.46
N PRO A 237 -6.90 -25.20 10.57
CA PRO A 237 -5.52 -25.53 10.92
C PRO A 237 -5.42 -26.86 11.68
N PRO A 243 -10.23 -23.03 13.67
CA PRO A 243 -9.90 -21.76 13.01
C PRO A 243 -8.92 -20.94 13.83
N GLU A 244 -7.75 -20.65 13.26
CA GLU A 244 -6.77 -19.80 13.93
C GLU A 244 -7.07 -18.34 13.60
N ALA A 245 -7.89 -17.71 14.44
CA ALA A 245 -8.39 -16.37 14.15
C ALA A 245 -8.91 -15.70 15.42
N PRO A 246 -8.97 -14.35 15.42
CA PRO A 246 -9.59 -13.63 16.53
C PRO A 246 -11.07 -13.95 16.67
N GLU A 247 -11.62 -13.75 17.85
CA GLU A 247 -13.00 -14.15 18.14
C GLU A 247 -14.02 -13.49 17.22
N TRP A 248 -13.84 -12.20 16.91
CA TRP A 248 -14.83 -11.49 16.11
C TRP A 248 -14.93 -12.10 14.72
N TYR A 249 -13.79 -12.59 14.23
CA TYR A 249 -13.70 -13.22 12.91
C TYR A 249 -14.38 -14.58 12.92
N GLN A 250 -14.14 -15.34 13.98
CA GLN A 250 -14.80 -16.64 14.15
C GLN A 250 -16.30 -16.47 14.22
N VAL A 251 -16.75 -15.42 14.89
CA VAL A 251 -18.18 -15.14 15.02
C VAL A 251 -18.78 -14.76 13.67
N GLU A 252 -18.07 -13.97 12.87
CA GLU A 252 -18.61 -13.57 11.58
C GLU A 252 -18.48 -14.70 10.55
N LEU A 253 -17.51 -15.60 10.77
CA LEU A 253 -17.35 -16.75 9.88
C LEU A 253 -18.54 -17.68 10.00
N LYS A 254 -18.98 -17.92 11.23
CA LYS A 254 -20.19 -18.70 11.48
C LYS A 254 -21.38 -18.08 10.76
N ALA A 255 -21.49 -16.75 10.85
CA ALA A 255 -22.57 -16.02 10.22
C ALA A 255 -22.52 -16.17 8.70
N PHE A 256 -21.34 -15.94 8.13
CA PHE A 256 -21.15 -16.06 6.69
C PHE A 256 -21.53 -17.46 6.18
N GLN A 257 -21.00 -18.48 6.85
CA GLN A 257 -21.23 -19.86 6.45
C GLN A 257 -22.72 -20.23 6.43
N ALA A 258 -23.51 -19.57 7.27
CA ALA A 258 -24.95 -19.84 7.34
C ALA A 258 -25.69 -19.27 6.13
N THR A 259 -25.24 -18.11 5.64
CA THR A 259 -25.83 -17.50 4.46
C THR A 259 -25.54 -18.31 3.20
N GLN A 260 -24.53 -19.16 3.29
CA GLN A 260 -24.16 -20.04 2.18
C GLN A 260 -25.15 -21.21 2.07
N SER B 1 -1.31 -19.37 11.06
CA SER B 1 -0.52 -18.14 11.19
C SER B 1 -1.37 -16.98 11.68
N LYS B 2 -0.83 -16.24 12.66
CA LYS B 2 -1.51 -15.10 13.30
C LYS B 2 -1.33 -13.81 12.52
N SER B 3 -1.49 -13.95 11.22
CA SER B 3 -1.36 -12.84 10.30
C SER B 3 -2.32 -13.06 9.14
N MLZ B 4 -2.72 -11.96 8.50
CA MLZ B 4 -3.62 -12.05 7.33
CB MLZ B 4 -4.06 -10.64 6.93
CG MLZ B 4 -4.79 -9.84 8.00
CD MLZ B 4 -4.66 -8.33 7.70
CE MLZ B 4 -5.36 -7.49 8.75
NZ MLZ B 4 -5.43 -6.09 8.24
CM MLZ B 4 -5.83 -5.27 9.39
C MLZ B 4 -2.92 -12.59 6.11
O MLZ B 4 -1.68 -12.47 6.04
N ASP B 5 -3.67 -13.20 5.19
CA ASP B 5 -3.28 -13.41 3.78
C ASP B 5 -1.98 -14.21 3.63
N ARG B 6 -1.82 -15.25 4.45
CA ARG B 6 -0.61 -16.07 4.38
C ARG B 6 -0.69 -17.09 3.24
N SAH C . -10.87 -1.18 12.52
CA SAH C . -9.39 -1.01 12.51
CB SAH C . -8.83 -1.14 11.09
CG SAH C . -8.58 -2.60 10.72
SD SAH C . -7.35 -3.36 11.73
C SAH C . -8.99 0.31 13.15
O SAH C . -9.88 0.99 13.71
OXT SAH C . -7.79 0.67 13.10
C5' SAH C . -8.01 -4.88 12.38
C4' SAH C . -9.02 -4.63 13.50
O4' SAH C . -10.25 -4.12 12.97
C3' SAH C . -9.40 -5.92 14.18
O3' SAH C . -8.56 -6.17 15.30
C2' SAH C . -10.84 -5.68 14.62
O2' SAH C . -10.84 -4.96 15.86
C1' SAH C . -11.38 -4.74 13.57
N9 SAH C . -12.17 -5.41 12.51
C8 SAH C . -11.79 -5.53 11.22
N7 SAH C . -12.74 -6.15 10.47
C5 SAH C . -13.75 -6.43 11.32
C6 SAH C . -15.08 -7.09 11.20
N6 SAH C . -15.48 -7.57 10.00
N1 SAH C . -15.82 -7.18 12.33
C2 SAH C . -15.40 -6.70 13.51
N3 SAH C . -14.22 -6.09 13.69
C4 SAH C . -13.37 -5.94 12.65
NA NA D . 3.09 3.48 -14.18
#